data_3AUU
#
_entry.id   3AUU
#
_cell.length_a   65.032
_cell.length_b   127.525
_cell.length_c   64.519
_cell.angle_alpha   90.00
_cell.angle_beta   109.95
_cell.angle_gamma   90.00
#
_symmetry.space_group_name_H-M   'C 1 2 1'
#
loop_
_entity.id
_entity.type
_entity.pdbx_description
1 polymer 'Glucose 1-dehydrogenase 4'
2 non-polymer beta-D-glucopyranose
3 water water
#
_entity_poly.entity_id   1
_entity_poly.type   'polypeptide(L)'
_entity_poly.pdbx_seq_one_letter_code
;MGHHHHHHMYTDLKDKVVVITGGSTGLGRAMAVRFGQEEAKVVINYYNNEEEALDAKKEVEEAGGQAIIVQGDVTKEEDV
VNLVQTAIKEFGTLDVMINNAGVENPVPSHELSLDNWNKVIDTNLTGAFLGSREAIKYFVENDIKGNVINMSSVHEMIPW
PLFVHYAASKGGMKLMTETLALEYAPKGIRVNNIGPGAMNTPINAEKFADPVQRADVESMIPMGYIGKPEEVAAVAAFLA
SSQASYVTGITLFADGGMTKYPSFQAGRG
;
_entity_poly.pdbx_strand_id   A,B
#
# COMPACT_ATOMS: atom_id res chain seq x y z
N HIS A 8 -24.29 -9.16 28.30
CA HIS A 8 -23.79 -8.36 27.14
C HIS A 8 -23.72 -9.23 25.88
N MET A 9 -23.42 -8.60 24.75
CA MET A 9 -23.55 -9.23 23.43
C MET A 9 -22.63 -10.44 23.16
N TYR A 10 -21.33 -10.20 23.04
CA TYR A 10 -20.37 -11.27 22.71
C TYR A 10 -19.68 -11.83 23.96
N THR A 11 -20.23 -12.92 24.49
CA THR A 11 -19.77 -13.41 25.79
C THR A 11 -18.37 -14.02 25.74
N ASP A 12 -17.97 -14.52 24.57
CA ASP A 12 -16.61 -15.00 24.32
C ASP A 12 -15.54 -13.92 24.42
N LEU A 13 -15.97 -12.66 24.46
CA LEU A 13 -15.01 -11.57 24.59
C LEU A 13 -14.66 -11.29 26.06
N LYS A 14 -15.48 -11.80 26.98
CA LYS A 14 -15.23 -11.61 28.41
C LYS A 14 -13.80 -11.99 28.76
N ASP A 15 -13.09 -11.05 29.36
CA ASP A 15 -11.72 -11.24 29.87
C ASP A 15 -10.65 -11.45 28.80
N LYS A 16 -11.01 -11.19 27.54
CA LYS A 16 -10.02 -11.20 26.46
C LYS A 16 -9.18 -9.94 26.56
N VAL A 17 -7.88 -10.10 26.35
CA VAL A 17 -6.96 -8.96 26.36
C VAL A 17 -6.90 -8.32 24.98
N VAL A 18 -7.28 -7.04 24.94
CA VAL A 18 -7.33 -6.25 23.70
C VAL A 18 -6.40 -5.01 23.74
N VAL A 19 -5.40 -4.99 22.86
CA VAL A 19 -4.51 -3.83 22.74
C VAL A 19 -5.00 -2.89 21.62
N ILE A 20 -5.14 -1.60 21.93
CA ILE A 20 -5.62 -0.63 20.93
C ILE A 20 -4.65 0.53 20.81
N THR A 21 -4.00 0.69 19.66
CA THR A 21 -3.13 1.85 19.45
C THR A 21 -3.95 3.09 19.09
N GLY A 22 -3.47 4.26 19.53
CA GLY A 22 -4.25 5.50 19.45
C GLY A 22 -5.63 5.32 20.05
N GLY A 23 -5.71 4.73 21.24
CA GLY A 23 -7.00 4.28 21.76
C GLY A 23 -7.64 5.22 22.77
N SER A 24 -7.12 6.44 22.84
CA SER A 24 -7.58 7.42 23.84
C SER A 24 -8.65 8.34 23.27
N THR A 25 -8.70 8.47 21.95
CA THR A 25 -9.64 9.38 21.29
C THR A 25 -10.26 8.71 20.06
N GLY A 26 -11.33 9.35 19.55
CA GLY A 26 -12.00 8.93 18.32
C GLY A 26 -12.37 7.46 18.24
N LEU A 27 -12.06 6.82 17.10
CA LEU A 27 -12.45 5.45 16.88
C LEU A 27 -11.77 4.53 17.87
N GLY A 28 -10.50 4.82 18.17
CA GLY A 28 -9.77 4.05 19.17
C GLY A 28 -10.47 4.04 20.53
N ARG A 29 -10.89 5.24 20.97
CA ARG A 29 -11.59 5.33 22.24
C ARG A 29 -12.92 4.58 22.20
N ALA A 30 -13.71 4.81 21.15
CA ALA A 30 -15.01 4.14 21.03
C ALA A 30 -14.84 2.61 21.08
N MET A 31 -13.76 2.11 20.48
CA MET A 31 -13.46 0.67 20.52
C MET A 31 -13.10 0.19 21.94
N ALA A 32 -12.30 0.99 22.67
CA ALA A 32 -11.92 0.65 24.05
C ALA A 32 -13.16 0.50 24.93
N VAL A 33 -14.05 1.48 24.84
CA VAL A 33 -15.32 1.47 25.54
C VAL A 33 -16.20 0.25 25.20
N ARG A 34 -16.39 -0.02 23.92
CA ARG A 34 -17.17 -1.17 23.49
C ARG A 34 -16.61 -2.51 23.99
N PHE A 35 -15.28 -2.66 23.93
CA PHE A 35 -14.68 -3.89 24.45
C PHE A 35 -14.82 -3.96 25.98
N GLY A 36 -14.73 -2.77 26.62
CA GLY A 36 -15.10 -2.60 28.01
C GLY A 36 -16.53 -3.02 28.29
N GLN A 37 -17.46 -2.73 27.37
CA GLN A 37 -18.84 -3.20 27.53
C GLN A 37 -18.97 -4.71 27.45
N GLU A 38 -17.99 -5.34 26.81
CA GLU A 38 -17.98 -6.80 26.65
C GLU A 38 -17.14 -7.44 27.74
N GLU A 39 -16.83 -6.65 28.78
CA GLU A 39 -16.05 -7.10 29.94
C GLU A 39 -14.67 -7.61 29.56
N ALA A 40 -14.09 -7.01 28.53
CA ALA A 40 -12.73 -7.31 28.15
C ALA A 40 -11.73 -6.52 29.00
N LYS A 41 -10.47 -6.93 28.93
CA LYS A 41 -9.38 -6.18 29.52
C LYS A 41 -8.65 -5.46 28.40
N VAL A 42 -8.71 -4.13 28.45
CA VAL A 42 -8.26 -3.27 27.37
C VAL A 42 -6.94 -2.58 27.72
N VAL A 43 -6.01 -2.53 26.77
CA VAL A 43 -4.75 -1.83 26.93
C VAL A 43 -4.77 -0.65 25.97
N ILE A 44 -4.83 0.55 26.55
CA ILE A 44 -4.99 1.76 25.78
C ILE A 44 -3.64 2.38 25.47
N ASN A 45 -3.22 2.33 24.21
CA ASN A 45 -2.02 3.06 23.82
C ASN A 45 -2.37 4.52 23.55
N TYR A 46 -1.39 5.39 23.77
CA TYR A 46 -1.54 6.83 23.50
C TYR A 46 -0.19 7.46 23.19
N TYR A 47 -0.21 8.56 22.45
CA TYR A 47 0.98 9.24 22.00
C TYR A 47 1.50 10.27 23.02
N ASN A 48 0.72 11.33 23.26
CA ASN A 48 1.14 12.31 24.26
C ASN A 48 0.08 12.75 25.27
N ASN A 49 -1.18 12.83 24.85
CA ASN A 49 -2.21 13.33 25.77
C ASN A 49 -2.67 12.29 26.80
N GLU A 50 -1.93 12.24 27.90
CA GLU A 50 -2.17 11.31 29.01
C GLU A 50 -3.55 11.44 29.65
N GLU A 51 -4.10 12.65 29.68
CA GLU A 51 -5.34 12.87 30.41
C GLU A 51 -6.55 12.25 29.71
N GLU A 52 -6.58 12.33 28.38
CA GLU A 52 -7.63 11.66 27.59
C GLU A 52 -7.56 10.16 27.78
N ALA A 53 -6.34 9.62 27.76
CA ALA A 53 -6.13 8.19 27.99
C ALA A 53 -6.68 7.78 29.34
N LEU A 54 -6.39 8.58 30.36
CA LEU A 54 -6.90 8.33 31.71
C LEU A 54 -8.44 8.35 31.74
N ASP A 55 -9.04 9.31 31.04
CA ASP A 55 -10.49 9.39 30.80
C ASP A 55 -11.03 8.13 30.11
N ALA A 56 -10.38 7.74 29.02
CA ALA A 56 -10.73 6.51 28.32
C ALA A 56 -10.70 5.32 29.27
N LYS A 57 -9.61 5.20 30.03
CA LYS A 57 -9.46 4.13 31.03
C LYS A 57 -10.67 4.00 31.98
N LYS A 58 -11.20 5.14 32.44
CA LYS A 58 -12.31 5.13 33.40
C LYS A 58 -13.65 4.70 32.79
N GLU A 59 -13.91 5.12 31.55
CA GLU A 59 -15.07 4.63 30.78
C GLU A 59 -15.12 3.11 30.65
N VAL A 60 -13.99 2.52 30.24
CA VAL A 60 -13.86 1.07 30.13
C VAL A 60 -14.23 0.40 31.45
N GLU A 61 -13.62 0.90 32.55
CA GLU A 61 -13.96 0.46 33.90
C GLU A 61 -15.45 0.61 34.22
N GLU A 62 -16.00 1.79 33.94
CA GLU A 62 -17.44 2.08 34.14
C GLU A 62 -18.36 1.29 33.22
N ALA A 63 -17.85 0.89 32.05
CA ALA A 63 -18.65 0.13 31.10
C ALA A 63 -18.72 -1.34 31.48
N GLY A 64 -17.83 -1.75 32.39
CA GLY A 64 -17.78 -3.13 32.86
C GLY A 64 -16.47 -3.85 32.61
N GLY A 65 -15.43 -3.11 32.23
CA GLY A 65 -14.16 -3.71 31.82
C GLY A 65 -12.97 -3.35 32.68
N GLN A 66 -11.87 -4.10 32.51
CA GLN A 66 -10.58 -3.82 33.12
C GLN A 66 -9.73 -3.06 32.08
N ALA A 67 -8.83 -2.18 32.53
CA ALA A 67 -8.03 -1.37 31.61
C ALA A 67 -6.74 -0.79 32.21
N ILE A 68 -5.71 -0.67 31.38
CA ILE A 68 -4.49 0.06 31.70
C ILE A 68 -4.18 1.00 30.54
N ILE A 69 -3.35 2.01 30.79
CA ILE A 69 -2.88 2.88 29.71
C ILE A 69 -1.36 2.76 29.56
N VAL A 70 -0.86 2.96 28.34
CA VAL A 70 0.57 2.83 28.05
C VAL A 70 0.96 3.85 26.98
N GLN A 71 1.94 4.69 27.29
CA GLN A 71 2.46 5.66 26.33
C GLN A 71 3.30 4.94 25.28
N GLY A 72 3.23 5.41 24.04
CA GLY A 72 4.01 4.85 22.94
C GLY A 72 3.76 5.56 21.62
N ASP A 73 4.84 5.77 20.88
CA ASP A 73 4.82 6.33 19.53
C ASP A 73 4.97 5.14 18.57
N VAL A 74 3.98 4.93 17.70
CA VAL A 74 3.95 3.70 16.86
C VAL A 74 5.01 3.69 15.76
N THR A 75 5.65 4.83 15.53
CA THR A 75 6.78 4.91 14.61
C THR A 75 8.09 4.45 15.28
N LYS A 76 8.06 4.19 16.59
CA LYS A 76 9.21 3.68 17.32
C LYS A 76 9.01 2.21 17.65
N GLU A 77 9.85 1.37 17.06
CA GLU A 77 9.76 -0.07 17.26
C GLU A 77 9.77 -0.49 18.73
N GLU A 78 10.65 0.12 19.53
CA GLU A 78 10.73 -0.19 20.97
C GLU A 78 9.40 0.06 21.72
N ASP A 79 8.71 1.15 21.35
CA ASP A 79 7.41 1.47 21.95
C ASP A 79 6.37 0.41 21.61
N VAL A 80 6.34 -0.01 20.34
CA VAL A 80 5.39 -1.04 19.92
C VAL A 80 5.72 -2.34 20.63
N VAL A 81 7.00 -2.69 20.65
CA VAL A 81 7.48 -3.88 21.39
C VAL A 81 7.11 -3.80 22.87
N ASN A 82 7.39 -2.66 23.50
CA ASN A 82 7.01 -2.42 24.92
C ASN A 82 5.50 -2.55 25.15
N LEU A 83 4.70 -2.07 24.18
CA LEU A 83 3.23 -2.09 24.33
C LEU A 83 2.67 -3.49 24.50
N VAL A 84 3.07 -4.39 23.58
CA VAL A 84 2.62 -5.77 23.61
C VAL A 84 3.21 -6.50 24.83
N GLN A 85 4.46 -6.21 25.16
CA GLN A 85 5.06 -6.77 26.39
C GLN A 85 4.33 -6.34 27.67
N THR A 86 4.02 -5.06 27.79
CA THR A 86 3.25 -4.53 28.92
C THR A 86 1.86 -5.18 29.06
N ALA A 87 1.19 -5.40 27.93
CA ALA A 87 -0.10 -6.05 27.90
C ALA A 87 0.02 -7.46 28.50
N ILE A 88 1.02 -8.19 28.04
CA ILE A 88 1.22 -9.56 28.52
C ILE A 88 1.59 -9.55 30.02
N LYS A 89 2.56 -8.70 30.38
CA LYS A 89 2.97 -8.51 31.79
C LYS A 89 1.77 -8.28 32.72
N GLU A 90 0.93 -7.32 32.36
CA GLU A 90 -0.16 -6.89 33.23
C GLU A 90 -1.35 -7.83 33.26
N PHE A 91 -1.77 -8.35 32.11
CA PHE A 91 -3.03 -9.08 32.04
C PHE A 91 -2.89 -10.58 31.89
N GLY A 92 -1.69 -11.07 31.58
CA GLY A 92 -1.44 -12.51 31.51
C GLY A 92 -1.24 -13.07 30.11
N THR A 93 -1.79 -12.38 29.11
CA THR A 93 -1.84 -12.85 27.72
C THR A 93 -2.19 -11.71 26.77
N LEU A 94 -2.32 -12.03 25.49
CA LEU A 94 -2.84 -11.09 24.49
C LEU A 94 -3.79 -11.87 23.60
N ASP A 95 -4.97 -11.31 23.31
CA ASP A 95 -5.95 -12.01 22.48
C ASP A 95 -6.29 -11.28 21.17
N VAL A 96 -6.38 -9.95 21.25
CA VAL A 96 -6.80 -9.12 20.12
C VAL A 96 -5.87 -7.91 20.04
N MET A 97 -5.32 -7.69 18.85
CA MET A 97 -4.47 -6.56 18.58
C MET A 97 -5.13 -5.64 17.58
N ILE A 98 -5.28 -4.35 17.94
CA ILE A 98 -5.95 -3.36 17.09
C ILE A 98 -5.03 -2.18 16.76
N ASN A 99 -4.56 -2.14 15.51
CA ASN A 99 -3.69 -1.06 15.07
C ASN A 99 -4.51 0.08 14.49
N ASN A 100 -4.75 1.09 15.33
CA ASN A 100 -5.68 2.16 15.01
C ASN A 100 -5.04 3.53 14.76
N ALA A 101 -3.83 3.74 15.26
CA ALA A 101 -3.18 5.05 15.12
C ALA A 101 -3.02 5.47 13.67
N GLY A 102 -3.21 6.76 13.41
CA GLY A 102 -3.15 7.30 12.08
C GLY A 102 -3.08 8.81 12.08
N VAL A 103 -2.39 9.35 11.09
CA VAL A 103 -2.31 10.79 10.83
C VAL A 103 -2.56 11.09 9.35
N GLU A 104 -2.92 12.34 9.05
CA GLU A 104 -3.23 12.77 7.70
C GLU A 104 -3.16 14.30 7.65
N ASN A 105 -2.88 14.82 6.47
CA ASN A 105 -2.90 16.26 6.22
C ASN A 105 -2.90 16.49 4.69
N PRO A 106 -3.64 17.52 4.23
CA PRO A 106 -3.77 17.79 2.80
C PRO A 106 -2.58 18.55 2.20
N VAL A 107 -2.04 18.02 1.10
CA VAL A 107 -0.97 18.68 0.35
C VAL A 107 -1.11 18.27 -1.12
N PRO A 108 -1.05 19.23 -2.05
CA PRO A 108 -0.90 18.84 -3.47
C PRO A 108 0.26 17.86 -3.63
N SER A 109 0.03 16.76 -4.36
CA SER A 109 0.99 15.66 -4.36
C SER A 109 2.38 16.03 -4.91
N HIS A 110 2.42 16.87 -5.93
CA HIS A 110 3.70 17.30 -6.52
C HIS A 110 4.49 18.23 -5.59
N GLU A 111 3.85 18.69 -4.52
CA GLU A 111 4.47 19.49 -3.47
C GLU A 111 4.65 18.74 -2.15
N LEU A 112 4.28 17.46 -2.09
CA LEU A 112 4.37 16.72 -0.83
C LEU A 112 5.83 16.38 -0.54
N SER A 113 6.31 16.76 0.64
CA SER A 113 7.70 16.52 0.98
C SER A 113 7.93 15.06 1.33
N LEU A 114 9.18 14.62 1.16
CA LEU A 114 9.57 13.29 1.58
C LEU A 114 9.33 13.06 3.08
N ASP A 115 9.62 14.06 3.90
CA ASP A 115 9.49 13.90 5.37
C ASP A 115 8.02 13.68 5.77
N ASN A 116 7.13 14.43 5.12
CA ASN A 116 5.70 14.35 5.36
C ASN A 116 5.11 13.02 4.84
N TRP A 117 5.48 12.64 3.62
CA TRP A 117 5.19 11.30 3.09
C TRP A 117 5.61 10.21 4.10
N ASN A 118 6.89 10.22 4.48
CA ASN A 118 7.40 9.26 5.46
C ASN A 118 6.64 9.23 6.78
N LYS A 119 6.25 10.40 7.28
CA LYS A 119 5.57 10.44 8.59
C LYS A 119 4.25 9.66 8.50
N VAL A 120 3.53 9.87 7.42
CA VAL A 120 2.23 9.20 7.23
C VAL A 120 2.44 7.71 6.94
N ILE A 121 3.39 7.38 6.07
CA ILE A 121 3.72 5.97 5.83
C ILE A 121 4.19 5.25 7.13
N ASP A 122 5.15 5.85 7.84
CA ASP A 122 5.66 5.29 9.11
C ASP A 122 4.58 5.03 10.15
N THR A 123 3.69 6.01 10.32
CA THR A 123 2.61 5.94 11.30
C THR A 123 1.50 4.95 10.89
N ASN A 124 0.99 5.13 9.67
CA ASN A 124 -0.24 4.48 9.24
C ASN A 124 -0.01 3.04 8.81
N LEU A 125 1.08 2.81 8.07
CA LEU A 125 1.37 1.49 7.53
C LEU A 125 2.38 0.72 8.40
N THR A 126 3.57 1.26 8.50
CA THR A 126 4.66 0.65 9.29
C THR A 126 4.30 0.37 10.75
N GLY A 127 3.66 1.33 11.42
CA GLY A 127 3.16 1.09 12.76
C GLY A 127 2.21 -0.09 12.85
N ALA A 128 1.35 -0.25 11.84
CA ALA A 128 0.44 -1.39 11.79
C ALA A 128 1.17 -2.72 11.56
N PHE A 129 2.17 -2.69 10.69
CA PHE A 129 3.03 -3.84 10.50
C PHE A 129 3.68 -4.23 11.84
N LEU A 130 4.31 -3.26 12.49
CA LEU A 130 4.99 -3.52 13.76
C LEU A 130 4.03 -4.12 14.80
N GLY A 131 2.85 -3.51 14.94
CA GLY A 131 1.83 -4.02 15.88
C GLY A 131 1.36 -5.43 15.53
N SER A 132 1.11 -5.65 14.24
CA SER A 132 0.63 -6.93 13.75
C SER A 132 1.70 -7.99 13.98
N ARG A 133 2.95 -7.63 13.69
CA ARG A 133 4.08 -8.55 13.83
C ARG A 133 4.22 -9.01 15.28
N GLU A 134 4.31 -8.05 16.20
CA GLU A 134 4.49 -8.37 17.62
C GLU A 134 3.36 -9.22 18.17
N ALA A 135 2.11 -8.93 17.80
CA ALA A 135 0.98 -9.76 18.21
C ALA A 135 1.06 -11.18 17.65
N ILE A 136 1.32 -11.30 16.33
CA ILE A 136 1.37 -12.61 15.69
C ILE A 136 2.50 -13.48 16.27
N LYS A 137 3.68 -12.88 16.43
CA LYS A 137 4.82 -13.51 17.11
C LYS A 137 4.36 -14.19 18.41
N TYR A 138 3.66 -13.43 19.24
CA TYR A 138 3.15 -13.94 20.50
C TYR A 138 2.13 -15.08 20.38
N PHE A 139 1.16 -14.94 19.46
CA PHE A 139 0.16 -15.98 19.21
C PHE A 139 0.87 -17.24 18.71
N VAL A 140 1.88 -17.06 17.86
CA VAL A 140 2.57 -18.20 17.27
C VAL A 140 3.36 -18.94 18.35
N GLU A 141 4.19 -18.21 19.09
CA GLU A 141 4.98 -18.79 20.18
C GLU A 141 4.18 -19.47 21.28
N ASN A 142 2.92 -19.07 21.45
CA ASN A 142 2.10 -19.57 22.55
C ASN A 142 0.88 -20.35 22.09
N ASP A 143 0.82 -20.66 20.79
CA ASP A 143 -0.28 -21.41 20.20
C ASP A 143 -1.67 -20.84 20.55
N ILE A 144 -1.79 -19.52 20.51
CA ILE A 144 -3.07 -18.85 20.75
C ILE A 144 -3.71 -18.48 19.39
N LYS A 145 -5.00 -18.75 19.28
CA LYS A 145 -5.75 -18.43 18.07
C LYS A 145 -6.21 -16.97 18.15
N GLY A 146 -5.25 -16.06 18.06
CA GLY A 146 -5.51 -14.65 18.31
C GLY A 146 -6.07 -13.97 17.09
N ASN A 147 -6.26 -12.67 17.23
CA ASN A 147 -7.04 -11.89 16.30
C ASN A 147 -6.36 -10.57 16.03
N VAL A 148 -6.15 -10.21 14.77
CA VAL A 148 -5.68 -8.86 14.49
C VAL A 148 -6.72 -8.01 13.72
N ILE A 149 -6.94 -6.80 14.20
CA ILE A 149 -7.76 -5.82 13.48
C ILE A 149 -6.93 -4.59 13.11
N ASN A 150 -6.79 -4.36 11.80
CA ASN A 150 -6.09 -3.19 11.34
C ASN A 150 -7.09 -2.14 10.85
N MET A 151 -7.01 -0.96 11.43
CA MET A 151 -7.85 0.18 11.04
CA MET A 151 -7.88 0.14 11.03
C MET A 151 -7.38 0.79 9.74
N SER A 152 -8.13 0.51 8.69
CA SER A 152 -7.87 1.05 7.38
C SER A 152 -8.82 2.25 7.16
N SER A 153 -9.36 2.33 5.96
CA SER A 153 -10.17 3.46 5.51
C SER A 153 -10.81 3.09 4.19
N VAL A 154 -11.89 3.81 3.86
CA VAL A 154 -12.44 3.76 2.52
C VAL A 154 -11.34 4.08 1.52
N HIS A 155 -10.33 4.80 1.99
CA HIS A 155 -9.21 5.17 1.14
C HIS A 155 -8.17 4.06 0.89
N GLU A 156 -8.42 2.83 1.36
CA GLU A 156 -7.70 1.69 0.74
C GLU A 156 -8.29 1.32 -0.63
N MET A 157 -9.43 1.93 -0.95
CA MET A 157 -10.14 1.67 -2.22
C MET A 157 -10.41 2.99 -2.95
N ILE A 158 -10.83 4.01 -2.20
CA ILE A 158 -11.13 5.30 -2.80
C ILE A 158 -9.84 6.14 -2.89
N PRO A 159 -9.39 6.45 -4.11
CA PRO A 159 -8.23 7.35 -4.20
C PRO A 159 -8.51 8.71 -3.53
N TRP A 160 -7.46 9.42 -3.12
CA TRP A 160 -7.66 10.64 -2.33
C TRP A 160 -6.67 11.76 -2.66
N PRO A 161 -6.98 12.56 -3.69
CA PRO A 161 -6.11 13.68 -4.07
C PRO A 161 -5.82 14.57 -2.87
N LEU A 162 -4.60 15.11 -2.82
CA LEU A 162 -4.09 15.84 -1.65
C LEU A 162 -3.71 14.95 -0.48
N PHE A 163 -4.02 13.65 -0.54
CA PHE A 163 -3.72 12.72 0.55
C PHE A 163 -3.07 11.46 -0.01
N VAL A 164 -2.11 11.63 -0.94
CA VAL A 164 -1.49 10.51 -1.61
C VAL A 164 -0.72 9.60 -0.65
N HIS A 165 -0.11 10.21 0.38
CA HIS A 165 0.54 9.43 1.45
C HIS A 165 -0.47 8.57 2.22
N TYR A 166 -1.57 9.18 2.62
CA TYR A 166 -2.60 8.44 3.34
C TYR A 166 -3.17 7.31 2.48
N ALA A 167 -3.53 7.62 1.24
CA ALA A 167 -4.09 6.62 0.34
C ALA A 167 -3.14 5.45 0.14
N ALA A 168 -1.87 5.76 -0.14
CA ALA A 168 -0.81 4.74 -0.22
C ALA A 168 -0.72 3.91 1.05
N SER A 169 -0.73 4.56 2.21
CA SER A 169 -0.53 3.83 3.44
C SER A 169 -1.62 2.79 3.65
N LYS A 170 -2.84 3.12 3.28
CA LYS A 170 -3.99 2.18 3.43
C LYS A 170 -4.07 1.15 2.30
N GLY A 171 -3.73 1.52 1.08
CA GLY A 171 -3.55 0.54 0.03
C GLY A 171 -2.53 -0.52 0.46
N GLY A 172 -1.43 -0.10 1.09
CA GLY A 172 -0.41 -1.06 1.57
C GLY A 172 -0.94 -1.87 2.73
N MET A 173 -1.70 -1.20 3.61
CA MET A 173 -2.31 -1.89 4.73
C MET A 173 -3.22 -3.04 4.30
N LYS A 174 -3.96 -2.82 3.21
CA LYS A 174 -4.83 -3.84 2.68
C LYS A 174 -4.04 -5.11 2.29
N LEU A 175 -2.98 -4.96 1.50
CA LEU A 175 -2.19 -6.15 1.06
C LEU A 175 -1.42 -6.75 2.24
N MET A 176 -1.05 -5.90 3.20
CA MET A 176 -0.37 -6.35 4.42
C MET A 176 -1.28 -7.29 5.18
N THR A 177 -2.48 -6.78 5.49
CA THR A 177 -3.50 -7.58 6.14
C THR A 177 -3.83 -8.91 5.42
N GLU A 178 -4.06 -8.82 4.12
CA GLU A 178 -4.47 -9.98 3.33
C GLU A 178 -3.34 -11.01 3.32
N THR A 179 -2.10 -10.55 3.22
CA THR A 179 -0.91 -11.41 3.34
C THR A 179 -0.82 -12.13 4.69
N LEU A 180 -0.93 -11.37 5.78
CA LEU A 180 -0.83 -11.97 7.11
C LEU A 180 -1.97 -12.96 7.38
N ALA A 181 -3.16 -12.66 6.85
CA ALA A 181 -4.31 -13.56 6.98
C ALA A 181 -4.05 -14.90 6.28
N LEU A 182 -3.51 -14.84 5.07
CA LEU A 182 -3.18 -16.04 4.29
C LEU A 182 -2.04 -16.81 4.99
N GLU A 183 -0.98 -16.09 5.35
CA GLU A 183 0.17 -16.68 6.04
C GLU A 183 -0.18 -17.44 7.34
N TYR A 184 -1.03 -16.84 8.18
CA TYR A 184 -1.26 -17.38 9.54
C TYR A 184 -2.62 -17.98 9.74
N ALA A 185 -3.38 -18.09 8.66
CA ALA A 185 -4.68 -18.78 8.70
C ALA A 185 -4.50 -20.24 9.16
N PRO A 186 -3.40 -20.90 8.75
CA PRO A 186 -3.29 -22.32 9.22
C PRO A 186 -3.12 -22.46 10.73
N LYS A 187 -2.75 -21.37 11.40
CA LYS A 187 -2.64 -21.36 12.85
C LYS A 187 -3.88 -20.85 13.56
N GLY A 188 -4.95 -20.59 12.81
CA GLY A 188 -6.20 -20.10 13.41
C GLY A 188 -6.13 -18.64 13.85
N ILE A 189 -5.10 -17.93 13.41
CA ILE A 189 -4.93 -16.50 13.66
C ILE A 189 -5.62 -15.75 12.51
N ARG A 190 -6.64 -14.96 12.86
CA ARG A 190 -7.37 -14.23 11.84
C ARG A 190 -6.86 -12.80 11.79
N VAL A 191 -6.84 -12.23 10.59
CA VAL A 191 -6.34 -10.88 10.38
C VAL A 191 -7.28 -10.14 9.42
N ASN A 192 -7.80 -9.00 9.87
CA ASN A 192 -8.85 -8.30 9.14
C ASN A 192 -8.66 -6.79 9.17
N ASN A 193 -9.20 -6.10 8.18
CA ASN A 193 -9.25 -4.62 8.17
C ASN A 193 -10.66 -4.15 8.45
N ILE A 194 -10.79 -2.96 9.06
CA ILE A 194 -12.06 -2.24 9.06
C ILE A 194 -11.85 -0.99 8.20
N GLY A 195 -12.83 -0.68 7.34
CA GLY A 195 -12.76 0.47 6.46
C GLY A 195 -13.76 1.58 6.78
N PRO A 196 -13.43 2.45 7.75
CA PRO A 196 -14.42 3.49 8.10
C PRO A 196 -14.54 4.55 7.00
N GLY A 197 -15.73 5.10 6.83
CA GLY A 197 -15.92 6.27 5.99
C GLY A 197 -15.71 7.54 6.83
N ALA A 198 -16.54 8.53 6.61
CA ALA A 198 -16.47 9.79 7.34
C ALA A 198 -17.10 9.56 8.68
N MET A 199 -16.31 9.70 9.74
CA MET A 199 -16.75 9.41 11.11
C MET A 199 -16.69 10.67 12.00
N ASN A 200 -17.57 10.75 12.99
CA ASN A 200 -17.63 11.92 13.89
C ASN A 200 -16.59 11.81 15.01
N THR A 201 -15.37 12.22 14.70
CA THR A 201 -14.21 12.02 15.58
C THR A 201 -13.41 13.34 15.69
N PRO A 202 -12.47 13.43 16.68
CA PRO A 202 -11.78 14.70 16.94
C PRO A 202 -11.11 15.31 15.71
N ILE A 203 -10.44 14.47 14.93
CA ILE A 203 -9.75 14.93 13.70
C ILE A 203 -10.69 15.56 12.66
N ASN A 204 -11.88 14.99 12.52
CA ASN A 204 -12.93 15.51 11.63
C ASN A 204 -13.81 16.60 12.28
N ALA A 205 -13.71 16.72 13.60
CA ALA A 205 -14.54 17.68 14.38
C ALA A 205 -14.30 19.14 13.97
N GLU A 206 -13.09 19.41 13.47
CA GLU A 206 -12.77 20.70 12.89
C GLU A 206 -13.51 20.87 11.56
N LYS A 207 -13.26 19.94 10.64
CA LYS A 207 -13.88 19.93 9.31
C LYS A 207 -15.40 20.10 9.40
N PHE A 208 -16.01 19.43 10.37
CA PHE A 208 -17.47 19.40 10.46
C PHE A 208 -18.05 20.59 11.24
N ALA A 209 -17.21 21.58 11.52
CA ALA A 209 -17.67 22.84 12.12
C ALA A 209 -18.39 23.64 11.04
N ASP A 210 -17.68 23.93 9.95
CA ASP A 210 -18.22 24.63 8.81
C ASP A 210 -19.46 23.87 8.29
N PRO A 211 -20.65 24.50 8.34
CA PRO A 211 -21.89 23.80 7.97
C PRO A 211 -21.98 23.48 6.48
N VAL A 212 -21.26 24.24 5.65
CA VAL A 212 -21.10 23.90 4.24
C VAL A 212 -20.16 22.70 4.05
N GLN A 213 -19.20 22.54 4.96
CA GLN A 213 -18.28 21.42 4.89
C GLN A 213 -18.97 20.15 5.37
N ARG A 214 -19.70 20.26 6.49
CA ARG A 214 -20.51 19.14 6.98
C ARG A 214 -21.51 18.64 5.93
N ALA A 215 -22.19 19.58 5.27
CA ALA A 215 -23.15 19.24 4.22
C ALA A 215 -22.46 18.57 3.03
N ASP A 216 -21.32 19.13 2.64
CA ASP A 216 -20.55 18.63 1.49
C ASP A 216 -20.11 17.17 1.73
N VAL A 217 -19.57 16.90 2.90
CA VAL A 217 -19.17 15.55 3.30
C VAL A 217 -20.40 14.64 3.34
N GLU A 218 -21.48 15.08 3.98
CA GLU A 218 -22.72 14.30 4.02
C GLU A 218 -23.28 13.96 2.64
N SER A 219 -23.02 14.83 1.66
CA SER A 219 -23.44 14.59 0.29
C SER A 219 -22.69 13.44 -0.38
N MET A 220 -21.53 13.07 0.19
CA MET A 220 -20.83 11.86 -0.31
C MET A 220 -21.10 10.58 0.49
N ILE A 221 -21.98 10.68 1.47
CA ILE A 221 -22.43 9.50 2.22
C ILE A 221 -23.85 9.14 1.76
N PRO A 222 -23.98 8.02 1.01
CA PRO A 222 -25.32 7.60 0.56
C PRO A 222 -26.36 7.49 1.70
N MET A 223 -26.02 6.91 2.85
CA MET A 223 -26.95 6.86 4.00
C MET A 223 -27.25 8.25 4.63
N GLY A 224 -26.51 9.28 4.25
CA GLY A 224 -26.86 10.68 4.60
C GLY A 224 -26.43 11.20 5.97
N TYR A 225 -25.67 10.41 6.73
CA TYR A 225 -25.09 10.88 7.98
C TYR A 225 -23.65 10.42 8.20
N ILE A 226 -22.91 11.24 8.95
CA ILE A 226 -21.57 10.94 9.41
C ILE A 226 -21.62 9.87 10.48
N GLY A 227 -20.84 8.81 10.31
CA GLY A 227 -20.91 7.67 11.21
C GLY A 227 -20.60 8.04 12.64
N LYS A 228 -21.29 7.39 13.58
CA LYS A 228 -20.94 7.52 14.98
C LYS A 228 -19.85 6.49 15.25
N PRO A 229 -18.82 6.87 16.05
CA PRO A 229 -17.71 5.96 16.28
C PRO A 229 -18.15 4.60 16.84
N GLU A 230 -19.25 4.57 17.59
CA GLU A 230 -19.79 3.31 18.11
C GLU A 230 -20.21 2.32 17.01
N GLU A 231 -20.55 2.83 15.83
CA GLU A 231 -20.93 1.97 14.71
C GLU A 231 -19.70 1.23 14.14
N VAL A 232 -18.53 1.86 14.30
CA VAL A 232 -17.28 1.24 13.93
C VAL A 232 -16.85 0.26 14.99
N ALA A 233 -16.98 0.66 16.25
CA ALA A 233 -16.72 -0.22 17.36
C ALA A 233 -17.56 -1.50 17.32
N ALA A 234 -18.80 -1.41 16.84
CA ALA A 234 -19.65 -2.60 16.67
C ALA A 234 -19.03 -3.62 15.70
N VAL A 235 -18.42 -3.10 14.62
CA VAL A 235 -17.74 -3.94 13.61
C VAL A 235 -16.51 -4.60 14.22
N ALA A 236 -15.78 -3.83 15.04
CA ALA A 236 -14.59 -4.36 15.72
C ALA A 236 -14.94 -5.51 16.68
N ALA A 237 -16.00 -5.34 17.46
CA ALA A 237 -16.41 -6.38 18.38
C ALA A 237 -16.85 -7.64 17.63
N PHE A 238 -17.65 -7.48 16.58
CA PHE A 238 -17.99 -8.60 15.71
C PHE A 238 -16.74 -9.32 15.20
N LEU A 239 -15.83 -8.58 14.56
CA LEU A 239 -14.62 -9.17 13.98
C LEU A 239 -13.73 -9.88 14.99
N ALA A 240 -13.67 -9.33 16.20
CA ALA A 240 -12.87 -9.88 17.27
C ALA A 240 -13.47 -11.15 17.85
N SER A 241 -14.80 -11.26 17.76
CA SER A 241 -15.52 -12.36 18.38
C SER A 241 -15.43 -13.66 17.59
N SER A 242 -15.78 -14.74 18.28
CA SER A 242 -15.83 -16.04 17.66
C SER A 242 -17.01 -16.11 16.67
N GLN A 243 -17.83 -15.07 16.61
CA GLN A 243 -18.89 -14.98 15.60
C GLN A 243 -18.28 -14.84 14.21
N ALA A 244 -17.12 -14.19 14.13
CA ALA A 244 -16.39 -14.07 12.88
C ALA A 244 -15.35 -15.19 12.68
N SER A 245 -15.59 -16.36 13.29
CA SER A 245 -14.62 -17.48 13.23
C SER A 245 -14.14 -17.86 11.83
N TYR A 246 -15.00 -17.76 10.82
CA TYR A 246 -14.61 -18.12 9.44
C TYR A 246 -14.27 -16.89 8.58
N VAL A 247 -14.17 -15.72 9.22
CA VAL A 247 -13.89 -14.47 8.51
C VAL A 247 -12.43 -14.04 8.70
N THR A 248 -11.67 -14.09 7.62
CA THR A 248 -10.26 -13.67 7.64
C THR A 248 -9.84 -13.06 6.32
N GLY A 249 -8.87 -12.16 6.41
CA GLY A 249 -8.34 -11.45 5.26
C GLY A 249 -9.28 -10.43 4.62
N ILE A 250 -10.37 -10.07 5.29
CA ILE A 250 -11.36 -9.20 4.62
C ILE A 250 -11.13 -7.73 4.97
N THR A 251 -11.71 -6.82 4.19
CA THR A 251 -11.94 -5.46 4.67
C THR A 251 -13.44 -5.24 4.80
N LEU A 252 -13.88 -4.93 6.01
CA LEU A 252 -15.28 -4.70 6.23
C LEU A 252 -15.45 -3.19 6.27
N PHE A 253 -16.01 -2.67 5.19
CA PHE A 253 -16.22 -1.23 5.11
C PHE A 253 -17.43 -0.86 5.94
N ALA A 254 -17.29 0.17 6.75
CA ALA A 254 -18.43 0.74 7.47
C ALA A 254 -18.41 2.22 7.10
N ASP A 255 -19.08 2.56 6.01
CA ASP A 255 -18.89 3.85 5.40
C ASP A 255 -20.20 4.50 4.91
N GLY A 256 -21.33 3.90 5.31
CA GLY A 256 -22.64 4.33 4.83
C GLY A 256 -22.83 4.34 3.32
N GLY A 257 -22.02 3.55 2.60
CA GLY A 257 -22.11 3.41 1.16
C GLY A 257 -21.07 4.21 0.38
N MET A 258 -20.18 4.90 1.08
CA MET A 258 -19.23 5.79 0.40
C MET A 258 -18.41 5.11 -0.70
N THR A 259 -17.98 3.86 -0.49
CA THR A 259 -17.25 3.12 -1.55
C THR A 259 -18.08 2.76 -2.78
N LYS A 260 -19.38 2.99 -2.70
CA LYS A 260 -20.24 2.66 -3.83
C LYS A 260 -20.36 3.77 -4.89
N TYR A 261 -19.51 4.79 -4.79
CA TYR A 261 -19.42 5.86 -5.78
C TYR A 261 -20.60 6.86 -5.65
N PRO A 262 -20.54 7.76 -4.65
CA PRO A 262 -21.70 8.62 -4.35
C PRO A 262 -22.11 9.56 -5.47
N SER A 263 -21.19 9.87 -6.39
CA SER A 263 -21.49 10.72 -7.55
C SER A 263 -22.53 10.08 -8.50
N PHE A 264 -22.73 8.77 -8.38
CA PHE A 264 -23.61 8.03 -9.30
C PHE A 264 -25.05 7.84 -8.80
N GLN A 265 -25.36 8.41 -7.64
CA GLN A 265 -26.75 8.44 -7.17
C GLN A 265 -27.68 9.04 -8.21
N ALA A 266 -28.95 8.62 -8.15
CA ALA A 266 -30.02 9.05 -9.06
C ALA A 266 -29.77 8.79 -10.55
N GLY A 267 -28.93 7.81 -10.88
CA GLY A 267 -28.67 7.46 -12.29
C GLY A 267 -27.85 8.46 -13.11
N ARG A 268 -27.16 9.37 -12.41
CA ARG A 268 -26.18 10.28 -13.06
C ARG A 268 -25.10 9.49 -13.79
N GLY A 269 -24.42 10.14 -14.72
CA GLY A 269 -23.25 9.54 -15.38
C GLY A 269 -23.49 9.07 -16.79
N HIS B 8 7.65 0.15 -37.35
CA HIS B 8 7.59 1.23 -36.32
C HIS B 8 6.16 1.46 -35.80
N MET B 9 5.85 0.82 -34.67
CA MET B 9 4.49 0.74 -34.12
C MET B 9 3.90 2.09 -33.65
N TYR B 10 4.36 2.61 -32.52
CA TYR B 10 3.83 3.86 -31.97
C TYR B 10 4.70 5.03 -32.40
N THR B 11 4.31 5.66 -33.51
CA THR B 11 5.14 6.70 -34.13
C THR B 11 5.17 7.91 -33.24
N ASP B 12 4.12 8.10 -32.45
CA ASP B 12 4.00 9.25 -31.57
C ASP B 12 5.03 9.22 -30.43
N LEU B 13 5.66 8.07 -30.23
CA LEU B 13 6.68 7.92 -29.20
C LEU B 13 8.07 8.40 -29.66
N LYS B 14 8.26 8.54 -30.98
CA LYS B 14 9.51 9.02 -31.58
C LYS B 14 9.98 10.27 -30.86
N ASP B 15 11.25 10.28 -30.43
CA ASP B 15 11.88 11.44 -29.75
C ASP B 15 11.29 11.86 -28.40
N LYS B 16 10.45 11.01 -27.81
CA LYS B 16 9.94 11.32 -26.46
C LYS B 16 11.03 10.98 -25.45
N VAL B 17 11.08 11.71 -24.34
CA VAL B 17 12.05 11.38 -23.31
C VAL B 17 11.44 10.41 -22.27
N VAL B 18 12.03 9.22 -22.15
CA VAL B 18 11.56 8.17 -21.22
C VAL B 18 12.62 7.82 -20.17
N VAL B 19 12.38 8.21 -18.91
CA VAL B 19 13.27 7.85 -17.81
C VAL B 19 12.84 6.51 -17.21
N ILE B 20 13.79 5.61 -16.97
CA ILE B 20 13.49 4.25 -16.48
C ILE B 20 14.39 3.78 -15.31
N THR B 21 13.86 3.86 -14.09
CA THR B 21 14.63 3.41 -12.92
C THR B 21 14.81 1.90 -12.99
N GLY B 22 16.00 1.43 -12.59
CA GLY B 22 16.37 0.01 -12.73
C GLY B 22 16.26 -0.46 -14.17
N GLY B 23 16.68 0.40 -15.10
CA GLY B 23 16.55 0.11 -16.52
C GLY B 23 17.66 -0.73 -17.13
N SER B 24 18.60 -1.17 -16.31
CA SER B 24 19.77 -1.91 -16.78
C SER B 24 19.63 -3.44 -16.83
N THR B 25 18.61 -3.98 -16.13
CA THR B 25 18.37 -5.44 -16.12
C THR B 25 16.86 -5.73 -16.17
N GLY B 26 16.50 -6.97 -16.53
CA GLY B 26 15.12 -7.43 -16.41
C GLY B 26 14.11 -6.63 -17.20
N LEU B 27 12.98 -6.31 -16.55
CA LEU B 27 11.88 -5.59 -17.18
C LEU B 27 12.27 -4.18 -17.55
N GLY B 28 13.12 -3.57 -16.72
CA GLY B 28 13.58 -2.20 -16.95
C GLY B 28 14.40 -2.14 -18.23
N ARG B 29 15.26 -3.14 -18.43
CA ARG B 29 16.06 -3.28 -19.65
C ARG B 29 15.15 -3.54 -20.85
N ALA B 30 14.27 -4.54 -20.72
CA ALA B 30 13.28 -4.84 -21.76
C ALA B 30 12.53 -3.60 -22.20
N MET B 31 12.10 -2.78 -21.24
CA MET B 31 11.41 -1.54 -21.58
C MET B 31 12.33 -0.53 -22.24
N ALA B 32 13.57 -0.44 -21.74
CA ALA B 32 14.61 0.44 -22.32
C ALA B 32 14.79 0.18 -23.82
N VAL B 33 15.06 -1.07 -24.15
CA VAL B 33 15.13 -1.58 -25.53
C VAL B 33 13.87 -1.23 -26.37
N ARG B 34 12.70 -1.53 -25.82
CA ARG B 34 11.43 -1.28 -26.53
C ARG B 34 11.20 0.19 -26.92
N PHE B 35 11.46 1.13 -26.02
CA PHE B 35 11.27 2.52 -26.38
C PHE B 35 12.39 2.94 -27.37
N GLY B 36 13.49 2.19 -27.32
CA GLY B 36 14.55 2.27 -28.31
C GLY B 36 14.05 1.89 -29.68
N GLN B 37 13.23 0.84 -29.76
CA GLN B 37 12.67 0.39 -31.04
C GLN B 37 11.67 1.41 -31.58
N GLU B 38 11.05 2.15 -30.67
CA GLU B 38 10.12 3.23 -31.01
C GLU B 38 10.87 4.53 -31.23
N GLU B 39 12.21 4.41 -31.26
CA GLU B 39 13.15 5.53 -31.38
C GLU B 39 12.89 6.70 -30.44
N ALA B 40 12.75 6.37 -29.15
CA ALA B 40 12.66 7.37 -28.09
C ALA B 40 14.06 7.73 -27.55
N LYS B 41 14.10 8.72 -26.66
CA LYS B 41 15.30 9.05 -25.89
C LYS B 41 15.19 8.45 -24.47
N VAL B 42 15.81 7.28 -24.28
CA VAL B 42 15.73 6.51 -23.02
C VAL B 42 16.83 6.88 -22.00
N VAL B 43 16.42 7.35 -20.83
CA VAL B 43 17.35 7.63 -19.74
C VAL B 43 17.38 6.43 -18.80
N ILE B 44 18.52 5.76 -18.72
CA ILE B 44 18.62 4.53 -17.94
C ILE B 44 19.22 4.77 -16.56
N ASN B 45 18.37 4.72 -15.53
CA ASN B 45 18.89 4.73 -14.18
C ASN B 45 19.38 3.35 -13.78
N TYR B 46 20.51 3.33 -13.07
CA TYR B 46 21.06 2.11 -12.48
C TYR B 46 21.63 2.45 -11.12
N TYR B 47 21.76 1.46 -10.25
CA TYR B 47 22.25 1.70 -8.90
C TYR B 47 23.70 1.28 -8.74
N ASN B 48 23.99 0.09 -9.25
CA ASN B 48 25.02 -0.76 -8.70
C ASN B 48 26.10 -1.14 -9.68
N ASN B 49 25.72 -1.29 -10.94
CA ASN B 49 26.52 -2.11 -11.81
C ASN B 49 26.65 -1.53 -13.22
N GLU B 50 27.57 -0.59 -13.36
CA GLU B 50 27.71 0.20 -14.58
C GLU B 50 27.84 -0.67 -15.84
N GLU B 51 28.52 -1.80 -15.71
CA GLU B 51 28.78 -2.65 -16.87
C GLU B 51 27.52 -3.23 -17.53
N GLU B 52 26.50 -3.52 -16.70
N GLU B 52 26.49 -3.51 -16.72
CA GLU B 52 25.18 -3.91 -17.20
CA GLU B 52 25.19 -3.92 -17.25
C GLU B 52 24.50 -2.74 -17.90
C GLU B 52 24.46 -2.73 -17.90
N ALA B 53 24.53 -1.58 -17.25
CA ALA B 53 23.91 -0.35 -17.76
C ALA B 53 24.51 0.07 -19.10
N LEU B 54 25.84 -0.07 -19.21
CA LEU B 54 26.53 0.17 -20.48
C LEU B 54 26.06 -0.78 -21.58
N ASP B 55 25.99 -2.08 -21.24
CA ASP B 55 25.49 -3.10 -22.17
C ASP B 55 24.07 -2.81 -22.66
N ALA B 56 23.26 -2.20 -21.79
CA ALA B 56 21.86 -1.87 -22.08
C ALA B 56 21.76 -0.57 -22.89
N LYS B 57 22.59 0.40 -22.55
CA LYS B 57 22.67 1.65 -23.31
C LYS B 57 22.94 1.31 -24.77
N LYS B 58 23.77 0.30 -24.98
CA LYS B 58 24.13 -0.20 -26.31
C LYS B 58 22.91 -0.74 -27.07
N GLU B 59 22.19 -1.69 -26.44
CA GLU B 59 21.00 -2.28 -27.06
C GLU B 59 19.98 -1.24 -27.48
N VAL B 60 19.75 -0.24 -26.62
CA VAL B 60 18.86 0.86 -26.94
C VAL B 60 19.31 1.61 -28.19
N GLU B 61 20.63 1.79 -28.32
CA GLU B 61 21.22 2.51 -29.45
C GLU B 61 21.10 1.72 -30.75
N GLU B 62 21.43 0.42 -30.68
CA GLU B 62 21.26 -0.50 -31.80
C GLU B 62 19.79 -0.57 -32.27
N ALA B 63 18.86 -0.58 -31.33
CA ALA B 63 17.43 -0.70 -31.61
C ALA B 63 16.84 0.52 -32.35
N GLY B 64 17.61 1.60 -32.41
CA GLY B 64 17.18 2.83 -33.07
C GLY B 64 16.95 3.98 -32.12
N GLY B 65 17.34 3.80 -30.86
CA GLY B 65 17.09 4.81 -29.84
C GLY B 65 18.32 5.56 -29.39
N GLN B 66 18.08 6.64 -28.65
CA GLN B 66 19.13 7.37 -27.96
C GLN B 66 19.06 7.11 -26.46
N ALA B 67 20.21 7.15 -25.79
CA ALA B 67 20.29 6.68 -24.41
C ALA B 67 21.44 7.28 -23.63
N ILE B 68 21.16 7.64 -22.39
CA ILE B 68 22.20 7.90 -21.41
C ILE B 68 22.05 6.92 -20.26
N ILE B 69 23.06 6.86 -19.40
CA ILE B 69 22.96 6.11 -18.15
C ILE B 69 23.22 7.07 -16.99
N VAL B 70 22.45 6.94 -15.91
CA VAL B 70 22.59 7.83 -14.77
C VAL B 70 22.60 6.96 -13.51
N GLN B 71 23.68 7.04 -12.73
CA GLN B 71 23.75 6.31 -11.48
C GLN B 71 22.83 7.00 -10.47
N GLY B 72 22.12 6.20 -9.67
CA GLY B 72 21.28 6.73 -8.59
C GLY B 72 20.60 5.65 -7.74
N ASP B 73 20.43 5.96 -6.46
CA ASP B 73 19.71 5.12 -5.49
C ASP B 73 18.31 5.72 -5.36
N VAL B 74 17.27 4.94 -5.68
CA VAL B 74 15.89 5.47 -5.69
C VAL B 74 15.34 5.83 -4.30
N THR B 75 16.00 5.33 -3.27
CA THR B 75 15.66 5.63 -1.88
C THR B 75 16.26 6.97 -1.41
N LYS B 76 17.15 7.56 -2.20
CA LYS B 76 17.72 8.88 -1.88
C LYS B 76 17.07 9.96 -2.73
N GLU B 77 16.43 10.92 -2.07
CA GLU B 77 15.68 11.98 -2.76
C GLU B 77 16.53 12.76 -3.76
N GLU B 78 17.77 13.07 -3.36
CA GLU B 78 18.66 13.84 -4.24
C GLU B 78 18.96 13.07 -5.53
N ASP B 79 19.09 11.75 -5.44
CA ASP B 79 19.34 10.90 -6.60
C ASP B 79 18.17 10.91 -7.59
N VAL B 80 16.95 10.85 -7.05
CA VAL B 80 15.74 10.90 -7.88
C VAL B 80 15.57 12.28 -8.53
N VAL B 81 15.73 13.34 -7.75
CA VAL B 81 15.69 14.72 -8.27
C VAL B 81 16.77 14.94 -9.32
N ASN B 82 18.00 14.52 -9.00
CA ASN B 82 19.11 14.61 -9.96
C ASN B 82 18.78 13.86 -11.25
N LEU B 83 18.15 12.69 -11.13
CA LEU B 83 17.82 11.88 -12.31
C LEU B 83 16.88 12.61 -13.28
N VAL B 84 15.83 13.24 -12.76
CA VAL B 84 14.88 13.93 -13.62
C VAL B 84 15.59 15.16 -14.21
N GLN B 85 16.23 15.96 -13.35
CA GLN B 85 17.08 17.09 -13.79
C GLN B 85 18.09 16.71 -14.89
N THR B 86 18.80 15.59 -14.73
CA THR B 86 19.75 15.10 -15.75
C THR B 86 19.07 14.82 -17.09
N ALA B 87 17.88 14.19 -17.04
CA ALA B 87 17.10 13.93 -18.26
C ALA B 87 16.72 15.22 -19.00
N ILE B 88 16.32 16.23 -18.24
CA ILE B 88 15.97 17.55 -18.79
C ILE B 88 17.23 18.29 -19.29
N LYS B 89 18.39 18.01 -18.72
CA LYS B 89 19.64 18.63 -19.19
C LYS B 89 20.08 17.97 -20.50
N GLU B 90 20.10 16.66 -20.51
CA GLU B 90 20.67 15.90 -21.60
C GLU B 90 19.78 15.84 -22.84
N PHE B 91 18.47 15.77 -22.60
CA PHE B 91 17.50 15.52 -23.68
C PHE B 91 16.51 16.64 -23.93
N GLY B 92 16.45 17.61 -23.03
CA GLY B 92 15.65 18.83 -23.24
C GLY B 92 14.34 18.91 -22.47
N THR B 93 13.80 17.74 -22.10
CA THR B 93 12.49 17.65 -21.44
C THR B 93 12.25 16.25 -20.87
N LEU B 94 11.06 16.03 -20.31
CA LEU B 94 10.60 14.71 -19.82
C LEU B 94 9.19 14.41 -20.38
N ASP B 95 9.00 13.22 -20.93
CA ASP B 95 7.68 12.83 -21.44
C ASP B 95 7.04 11.66 -20.70
N VAL B 96 7.85 10.65 -20.38
CA VAL B 96 7.36 9.43 -19.74
C VAL B 96 8.29 9.06 -18.58
N MET B 97 7.75 9.01 -17.36
CA MET B 97 8.47 8.56 -16.17
C MET B 97 8.05 7.14 -15.80
N ILE B 98 9.00 6.22 -15.86
CA ILE B 98 8.80 4.83 -15.52
C ILE B 98 9.57 4.45 -14.26
N ASN B 99 8.82 4.23 -13.17
CA ASN B 99 9.36 3.78 -11.90
C ASN B 99 9.36 2.24 -11.76
N ASN B 100 10.51 1.64 -12.07
CA ASN B 100 10.62 0.20 -12.21
C ASN B 100 11.40 -0.52 -11.11
N ALA B 101 12.37 0.16 -10.49
CA ALA B 101 13.19 -0.43 -9.43
C ALA B 101 12.39 -1.08 -8.32
N GLY B 102 12.75 -2.30 -7.96
CA GLY B 102 12.11 -3.02 -6.87
C GLY B 102 13.01 -4.12 -6.34
N VAL B 103 12.79 -4.52 -5.08
CA VAL B 103 13.54 -5.61 -4.43
C VAL B 103 12.58 -6.47 -3.61
N GLU B 104 13.03 -7.66 -3.24
CA GLU B 104 12.21 -8.58 -2.45
C GLU B 104 13.09 -9.63 -1.85
N ASN B 105 12.63 -10.22 -0.75
CA ASN B 105 13.29 -11.38 -0.18
C ASN B 105 12.30 -12.08 0.72
N PRO B 106 12.33 -13.42 0.75
CA PRO B 106 11.41 -14.18 1.62
C PRO B 106 11.80 -14.17 3.10
N VAL B 107 10.86 -13.81 3.97
CA VAL B 107 10.98 -13.92 5.44
C VAL B 107 9.60 -14.20 6.02
N PRO B 108 9.47 -15.22 6.88
CA PRO B 108 8.19 -15.36 7.60
C PRO B 108 7.87 -14.00 8.25
N SER B 109 6.61 -13.57 8.15
CA SER B 109 6.30 -12.17 8.49
C SER B 109 6.58 -11.86 9.95
N HIS B 110 6.22 -12.79 10.84
CA HIS B 110 6.46 -12.60 12.26
C HIS B 110 7.94 -12.54 12.63
N GLU B 111 8.82 -12.82 11.65
CA GLU B 111 10.27 -12.71 11.81
C GLU B 111 10.87 -11.59 10.96
N LEU B 112 10.07 -10.83 10.23
CA LEU B 112 10.59 -9.74 9.40
C LEU B 112 11.04 -8.58 10.27
N SER B 113 12.28 -8.14 10.04
CA SER B 113 12.85 -7.03 10.79
C SER B 113 12.33 -5.72 10.22
N LEU B 114 12.26 -4.69 11.07
CA LEU B 114 11.88 -3.34 10.62
C LEU B 114 12.77 -2.81 9.50
N ASP B 115 14.08 -3.06 9.55
CA ASP B 115 15.01 -2.52 8.53
C ASP B 115 14.81 -3.19 7.16
N ASN B 116 14.48 -4.48 7.19
CA ASN B 116 14.21 -5.27 5.97
C ASN B 116 12.87 -4.82 5.39
N TRP B 117 11.87 -4.67 6.28
CA TRP B 117 10.58 -4.07 5.91
C TRP B 117 10.82 -2.69 5.28
N ASN B 118 11.56 -1.82 5.98
CA ASN B 118 11.84 -0.45 5.48
C ASN B 118 12.57 -0.38 4.16
N LYS B 119 13.50 -1.29 3.95
CA LYS B 119 14.27 -1.28 2.72
C LYS B 119 13.37 -1.54 1.50
N VAL B 120 12.49 -2.54 1.62
CA VAL B 120 11.58 -2.91 0.56
C VAL B 120 10.54 -1.79 0.30
N ILE B 121 9.95 -1.26 1.38
CA ILE B 121 9.00 -0.14 1.28
C ILE B 121 9.66 1.10 0.67
N ASP B 122 10.83 1.47 1.20
CA ASP B 122 11.60 2.62 0.71
C ASP B 122 11.90 2.52 -0.76
N THR B 123 12.35 1.35 -1.18
CA THR B 123 12.71 1.08 -2.57
C THR B 123 11.48 1.01 -3.48
N ASN B 124 10.54 0.15 -3.13
CA ASN B 124 9.46 -0.20 -4.06
C ASN B 124 8.38 0.87 -4.19
N LEU B 125 8.03 1.50 -3.06
CA LEU B 125 6.88 2.41 -2.98
C LEU B 125 7.33 3.87 -2.91
N THR B 126 8.17 4.18 -1.92
CA THR B 126 8.65 5.54 -1.74
C THR B 126 9.47 6.06 -2.94
N GLY B 127 10.31 5.20 -3.51
CA GLY B 127 11.09 5.56 -4.70
C GLY B 127 10.17 5.91 -5.87
N ALA B 128 9.13 5.08 -6.06
CA ALA B 128 8.09 5.35 -7.05
C ALA B 128 7.33 6.65 -6.75
N PHE B 129 7.01 6.91 -5.48
CA PHE B 129 6.42 8.21 -5.13
C PHE B 129 7.36 9.36 -5.54
N LEU B 130 8.62 9.25 -5.11
CA LEU B 130 9.60 10.32 -5.43
C LEU B 130 9.72 10.51 -6.93
N GLY B 131 9.82 9.40 -7.65
CA GLY B 131 9.88 9.46 -9.11
C GLY B 131 8.66 10.13 -9.72
N SER B 132 7.48 9.66 -9.28
CA SER B 132 6.22 10.22 -9.74
C SER B 132 6.10 11.70 -9.44
N ARG B 133 6.46 12.09 -8.21
CA ARG B 133 6.37 13.48 -7.75
C ARG B 133 7.22 14.41 -8.60
N GLU B 134 8.48 14.01 -8.82
CA GLU B 134 9.42 14.82 -9.57
C GLU B 134 8.97 14.97 -11.04
N ALA B 135 8.55 13.88 -11.66
CA ALA B 135 7.99 13.95 -13.02
C ALA B 135 6.75 14.86 -13.11
N ILE B 136 5.79 14.65 -12.21
CA ILE B 136 4.53 15.41 -12.24
C ILE B 136 4.75 16.91 -12.05
N LYS B 137 5.57 17.26 -11.06
CA LYS B 137 6.04 18.63 -10.82
C LYS B 137 6.57 19.22 -12.13
N TYR B 138 7.46 18.51 -12.78
CA TYR B 138 7.96 18.98 -14.07
C TYR B 138 6.82 19.17 -15.09
N PHE B 139 5.84 18.26 -15.09
CA PHE B 139 4.69 18.34 -16.01
C PHE B 139 3.76 19.51 -15.71
N VAL B 140 3.43 19.69 -14.44
CA VAL B 140 2.55 20.78 -14.00
C VAL B 140 3.19 22.11 -14.40
N GLU B 141 4.33 22.43 -13.79
CA GLU B 141 5.02 23.72 -14.01
C GLU B 141 5.28 24.08 -15.48
N ASN B 142 5.45 23.07 -16.34
CA ASN B 142 5.76 23.29 -17.76
C ASN B 142 4.66 22.94 -18.76
N ASP B 143 3.42 22.78 -18.29
CA ASP B 143 2.25 22.55 -19.16
C ASP B 143 2.37 21.36 -20.11
N ILE B 144 2.96 20.27 -19.62
CA ILE B 144 3.17 19.08 -20.44
C ILE B 144 2.18 17.97 -20.06
N LYS B 145 1.64 17.31 -21.07
CA LYS B 145 0.70 16.23 -20.86
C LYS B 145 1.50 14.93 -20.81
N GLY B 146 2.27 14.83 -19.74
CA GLY B 146 3.20 13.74 -19.54
C GLY B 146 2.51 12.49 -19.06
N ASN B 147 3.33 11.47 -18.84
CA ASN B 147 2.86 10.14 -18.60
C ASN B 147 3.70 9.49 -17.51
N VAL B 148 3.06 8.78 -16.59
CA VAL B 148 3.79 8.04 -15.58
C VAL B 148 3.36 6.58 -15.59
N ILE B 149 4.34 5.69 -15.70
CA ILE B 149 4.10 4.25 -15.55
C ILE B 149 4.83 3.77 -14.30
N ASN B 150 4.06 3.21 -13.37
CA ASN B 150 4.58 2.61 -12.15
C ASN B 150 4.54 1.09 -12.26
N MET B 151 5.68 0.45 -12.05
CA MET B 151 5.79 -1.00 -12.17
CA MET B 151 5.79 -0.99 -12.17
C MET B 151 5.42 -1.64 -10.84
N SER B 152 4.23 -2.24 -10.85
CA SER B 152 3.63 -2.89 -9.70
C SER B 152 3.84 -4.39 -9.85
N SER B 153 2.78 -5.17 -9.74
CA SER B 153 2.92 -6.63 -9.62
C SER B 153 1.55 -7.24 -9.48
N VAL B 154 1.39 -8.51 -9.84
CA VAL B 154 0.20 -9.28 -9.50
C VAL B 154 -0.05 -9.16 -7.98
N HIS B 155 1.02 -8.89 -7.24
CA HIS B 155 0.96 -8.76 -5.78
C HIS B 155 0.48 -7.39 -5.22
N GLU B 156 0.01 -6.49 -6.10
CA GLU B 156 -0.93 -5.44 -5.59
C GLU B 156 -2.34 -6.00 -5.39
N MET B 157 -2.55 -7.26 -5.81
CA MET B 157 -3.84 -7.91 -5.67
C MET B 157 -3.69 -9.28 -5.01
N ILE B 158 -2.67 -10.03 -5.43
CA ILE B 158 -2.44 -11.36 -4.85
C ILE B 158 -1.62 -11.22 -3.58
N PRO B 159 -2.18 -11.63 -2.43
CA PRO B 159 -1.34 -11.57 -1.21
C PRO B 159 -0.13 -12.55 -1.30
N TRP B 160 0.91 -12.32 -0.50
CA TRP B 160 2.16 -13.05 -0.70
C TRP B 160 2.90 -13.36 0.58
N PRO B 161 2.47 -14.42 1.30
CA PRO B 161 3.16 -14.82 2.52
C PRO B 161 4.65 -14.98 2.26
N LEU B 162 5.44 -14.66 3.28
CA LEU B 162 6.92 -14.54 3.20
C LEU B 162 7.37 -13.28 2.49
N PHE B 163 6.42 -12.51 1.97
CA PHE B 163 6.75 -11.30 1.23
C PHE B 163 5.78 -10.15 1.59
N VAL B 164 5.43 -10.05 2.86
CA VAL B 164 4.45 -9.07 3.31
C VAL B 164 4.90 -7.65 2.95
N HIS B 165 6.21 -7.38 3.09
CA HIS B 165 6.76 -6.06 2.74
C HIS B 165 6.59 -5.73 1.25
N TYR B 166 6.83 -6.72 0.40
CA TYR B 166 6.68 -6.54 -1.02
C TYR B 166 5.22 -6.30 -1.41
N ALA B 167 4.31 -7.13 -0.86
CA ALA B 167 2.88 -7.03 -1.09
C ALA B 167 2.35 -5.67 -0.68
N ALA B 168 2.62 -5.28 0.57
CA ALA B 168 2.30 -3.94 1.07
C ALA B 168 2.79 -2.81 0.16
N SER B 169 4.03 -2.94 -0.34
CA SER B 169 4.59 -1.88 -1.19
C SER B 169 3.80 -1.68 -2.48
N LYS B 170 3.36 -2.81 -3.07
CA LYS B 170 2.59 -2.79 -4.32
C LYS B 170 1.12 -2.41 -4.11
N GLY B 171 0.52 -2.88 -3.03
CA GLY B 171 -0.80 -2.39 -2.62
C GLY B 171 -0.79 -0.87 -2.45
N GLY B 172 0.30 -0.36 -1.88
CA GLY B 172 0.47 1.08 -1.68
C GLY B 172 0.69 1.77 -3.00
N MET B 173 1.48 1.16 -3.88
CA MET B 173 1.71 1.71 -5.22
C MET B 173 0.38 1.85 -6.00
N LYS B 174 -0.52 0.87 -5.83
CA LYS B 174 -1.82 0.92 -6.49
C LYS B 174 -2.58 2.21 -6.10
N LEU B 175 -2.73 2.45 -4.80
CA LEU B 175 -3.51 3.61 -4.34
C LEU B 175 -2.81 4.94 -4.61
N MET B 176 -1.48 4.90 -4.60
CA MET B 176 -0.69 6.04 -4.96
C MET B 176 -0.96 6.38 -6.42
N THR B 177 -0.80 5.38 -7.30
CA THR B 177 -1.08 5.58 -8.73
C THR B 177 -2.50 6.12 -9.00
N GLU B 178 -3.48 5.50 -8.36
CA GLU B 178 -4.87 5.86 -8.56
C GLU B 178 -5.19 7.30 -8.11
N THR B 179 -4.62 7.68 -6.95
CA THR B 179 -4.74 9.05 -6.42
C THR B 179 -4.14 10.10 -7.35
N LEU B 180 -2.93 9.83 -7.84
CA LEU B 180 -2.23 10.76 -8.73
C LEU B 180 -2.93 10.83 -10.10
N ALA B 181 -3.45 9.70 -10.58
CA ALA B 181 -4.25 9.71 -11.80
C ALA B 181 -5.46 10.63 -11.66
N LEU B 182 -6.21 10.46 -10.56
CA LEU B 182 -7.37 11.30 -10.27
C LEU B 182 -6.98 12.77 -10.07
N GLU B 183 -5.95 12.99 -9.28
CA GLU B 183 -5.49 14.35 -8.95
C GLU B 183 -5.02 15.14 -10.17
N TYR B 184 -4.33 14.48 -11.11
CA TYR B 184 -3.75 15.18 -12.26
C TYR B 184 -4.41 14.90 -13.60
N ALA B 185 -5.46 14.06 -13.61
CA ALA B 185 -6.30 13.91 -14.83
C ALA B 185 -6.77 15.24 -15.47
N PRO B 186 -7.26 16.22 -14.69
CA PRO B 186 -7.77 17.41 -15.40
C PRO B 186 -6.67 18.19 -16.14
N LYS B 187 -5.41 17.77 -15.94
CA LYS B 187 -4.26 18.42 -16.57
C LYS B 187 -3.72 17.59 -17.72
N GLY B 188 -4.40 16.49 -18.01
CA GLY B 188 -3.95 15.60 -19.08
C GLY B 188 -2.77 14.72 -18.73
N ILE B 189 -2.35 14.71 -17.47
CA ILE B 189 -1.26 13.82 -17.05
C ILE B 189 -1.85 12.46 -16.66
N ARG B 190 -1.45 11.42 -17.37
CA ARG B 190 -1.92 10.07 -17.11
C ARG B 190 -0.92 9.26 -16.23
N VAL B 191 -1.46 8.41 -15.36
CA VAL B 191 -0.65 7.67 -14.39
C VAL B 191 -1.25 6.29 -14.29
N ASN B 192 -0.48 5.28 -14.69
CA ASN B 192 -0.94 3.91 -14.73
C ASN B 192 0.09 2.95 -14.12
N ASN B 193 -0.40 1.78 -13.68
CA ASN B 193 0.45 0.67 -13.23
C ASN B 193 0.49 -0.44 -14.26
N ILE B 194 1.59 -1.19 -14.28
CA ILE B 194 1.65 -2.48 -14.93
C ILE B 194 1.79 -3.51 -13.81
N GLY B 195 1.08 -4.62 -13.95
CA GLY B 195 1.18 -5.71 -12.98
C GLY B 195 1.77 -7.00 -13.56
N PRO B 196 3.11 -7.15 -13.51
CA PRO B 196 3.70 -8.39 -14.05
C PRO B 196 3.41 -9.59 -13.16
N GLY B 197 3.25 -10.76 -13.76
CA GLY B 197 3.28 -12.02 -13.02
C GLY B 197 4.72 -12.51 -12.91
N ALA B 198 4.91 -13.83 -12.98
CA ALA B 198 6.25 -14.42 -12.94
C ALA B 198 6.92 -14.22 -14.29
N MET B 199 7.95 -13.38 -14.32
CA MET B 199 8.68 -13.03 -15.54
C MET B 199 10.13 -13.58 -15.51
N ASN B 200 10.66 -13.91 -16.69
CA ASN B 200 12.03 -14.43 -16.82
C ASN B 200 13.06 -13.31 -16.67
N THR B 201 13.39 -13.00 -15.43
CA THR B 201 14.22 -11.85 -15.10
C THR B 201 15.25 -12.25 -14.04
N PRO B 202 16.25 -11.38 -13.77
CA PRO B 202 17.26 -11.65 -12.74
C PRO B 202 16.69 -11.81 -11.34
N ILE B 203 15.61 -11.08 -11.03
CA ILE B 203 14.96 -11.22 -9.70
C ILE B 203 14.48 -12.66 -9.42
N ASN B 204 14.27 -13.44 -10.49
CA ASN B 204 13.78 -14.83 -10.41
C ASN B 204 14.78 -15.92 -10.81
N ALA B 205 15.99 -15.53 -11.20
CA ALA B 205 16.99 -16.47 -11.73
C ALA B 205 17.31 -17.66 -10.81
N GLU B 206 17.43 -17.40 -9.51
CA GLU B 206 17.71 -18.47 -8.54
C GLU B 206 16.52 -19.42 -8.40
N LYS B 207 15.34 -18.83 -8.22
CA LYS B 207 14.09 -19.59 -8.16
C LYS B 207 13.97 -20.56 -9.34
N PHE B 208 14.18 -20.05 -10.56
CA PHE B 208 13.89 -20.80 -11.78
C PHE B 208 14.99 -21.81 -12.15
N ALA B 209 16.18 -21.59 -11.59
CA ALA B 209 17.32 -22.48 -11.84
C ALA B 209 17.01 -23.86 -11.26
N ASP B 210 16.34 -23.88 -10.12
CA ASP B 210 15.85 -25.10 -9.49
C ASP B 210 14.65 -25.62 -10.30
N PRO B 211 14.85 -26.74 -11.03
CA PRO B 211 13.85 -27.22 -11.98
C PRO B 211 12.51 -27.55 -11.31
N VAL B 212 12.57 -27.98 -10.05
CA VAL B 212 11.36 -28.26 -9.27
C VAL B 212 10.58 -26.95 -9.00
N GLN B 213 11.32 -25.88 -8.69
CA GLN B 213 10.71 -24.57 -8.45
C GLN B 213 10.17 -23.93 -9.72
N ARG B 214 10.90 -24.04 -10.83
CA ARG B 214 10.42 -23.55 -12.12
C ARG B 214 9.10 -24.24 -12.49
N ALA B 215 9.03 -25.55 -12.25
CA ALA B 215 7.83 -26.33 -12.53
C ALA B 215 6.65 -25.88 -11.64
N ASP B 216 6.94 -25.63 -10.36
CA ASP B 216 5.94 -25.15 -9.41
C ASP B 216 5.35 -23.82 -9.89
N VAL B 217 6.22 -22.87 -10.21
CA VAL B 217 5.79 -21.54 -10.60
C VAL B 217 4.93 -21.62 -11.88
N GLU B 218 5.39 -22.47 -12.82
CA GLU B 218 4.70 -22.67 -14.10
C GLU B 218 3.31 -23.25 -13.91
N SER B 219 3.17 -24.18 -12.97
CA SER B 219 1.84 -24.74 -12.66
C SER B 219 0.86 -23.71 -12.06
N MET B 220 1.38 -22.52 -11.73
CA MET B 220 0.56 -21.44 -11.15
C MET B 220 0.23 -20.37 -12.17
N ILE B 221 0.75 -20.53 -13.38
CA ILE B 221 0.44 -19.68 -14.51
C ILE B 221 -0.54 -20.42 -15.44
N PRO B 222 -1.78 -19.91 -15.55
CA PRO B 222 -2.77 -20.55 -16.42
C PRO B 222 -2.31 -20.74 -17.88
N MET B 223 -1.72 -19.69 -18.46
CA MET B 223 -1.18 -19.74 -19.82
C MET B 223 0.00 -20.70 -19.98
N GLY B 224 0.64 -21.07 -18.88
CA GLY B 224 1.56 -22.21 -18.86
C GLY B 224 3.03 -21.87 -19.00
N TYR B 225 3.36 -20.64 -19.36
CA TYR B 225 4.77 -20.27 -19.42
C TYR B 225 5.10 -19.06 -18.56
N ILE B 226 6.34 -19.05 -18.05
CA ILE B 226 6.93 -17.86 -17.43
C ILE B 226 7.05 -16.75 -18.49
N GLY B 227 6.58 -15.56 -18.13
CA GLY B 227 6.50 -14.44 -19.07
C GLY B 227 7.85 -13.97 -19.58
N LYS B 228 7.87 -13.51 -20.83
CA LYS B 228 9.08 -12.95 -21.42
C LYS B 228 9.09 -11.46 -21.18
N PRO B 229 10.24 -10.89 -20.77
CA PRO B 229 10.28 -9.48 -20.42
C PRO B 229 9.75 -8.55 -21.50
N GLU B 230 9.86 -8.93 -22.77
CA GLU B 230 9.34 -8.08 -23.85
C GLU B 230 7.79 -8.03 -23.91
N GLU B 231 7.12 -9.02 -23.30
CA GLU B 231 5.66 -9.04 -23.23
C GLU B 231 5.12 -7.96 -22.28
N VAL B 232 5.93 -7.57 -21.29
CA VAL B 232 5.60 -6.45 -20.38
C VAL B 232 5.97 -5.12 -21.02
N ALA B 233 7.11 -5.07 -21.67
CA ALA B 233 7.52 -3.87 -22.42
C ALA B 233 6.52 -3.44 -23.50
N ALA B 234 5.85 -4.40 -24.15
CA ALA B 234 4.74 -4.09 -25.07
C ALA B 234 3.62 -3.31 -24.36
N VAL B 235 3.31 -3.70 -23.12
CA VAL B 235 2.28 -3.05 -22.32
C VAL B 235 2.70 -1.62 -22.00
N ALA B 236 3.98 -1.43 -21.66
CA ALA B 236 4.50 -0.10 -21.35
C ALA B 236 4.44 0.87 -22.54
N ALA B 237 4.85 0.38 -23.71
CA ALA B 237 4.79 1.16 -24.96
C ALA B 237 3.36 1.59 -25.28
N PHE B 238 2.40 0.67 -25.12
CA PHE B 238 1.00 0.99 -25.33
C PHE B 238 0.56 2.13 -24.39
N LEU B 239 0.78 1.93 -23.09
CA LEU B 239 0.35 2.88 -22.07
C LEU B 239 0.97 4.27 -22.23
N ALA B 240 2.25 4.30 -22.56
CA ALA B 240 2.94 5.57 -22.79
C ALA B 240 2.43 6.28 -24.04
N SER B 241 2.02 5.51 -25.06
CA SER B 241 1.46 6.09 -26.29
C SER B 241 0.12 6.81 -26.17
N SER B 242 -0.14 7.66 -27.15
CA SER B 242 -1.41 8.32 -27.32
C SER B 242 -2.54 7.35 -27.72
N GLN B 243 -2.20 6.10 -28.05
CA GLN B 243 -3.23 5.04 -28.17
C GLN B 243 -4.01 4.87 -26.86
N ALA B 244 -3.34 5.08 -25.73
CA ALA B 244 -3.95 4.94 -24.40
C ALA B 244 -4.47 6.26 -23.85
N SER B 245 -4.84 7.17 -24.74
CA SER B 245 -5.19 8.55 -24.34
C SER B 245 -6.33 8.69 -23.33
N TYR B 246 -7.26 7.74 -23.31
CA TYR B 246 -8.39 7.80 -22.38
C TYR B 246 -8.15 6.86 -21.20
N VAL B 247 -6.91 6.36 -21.07
CA VAL B 247 -6.59 5.33 -20.08
C VAL B 247 -5.67 5.92 -19.01
N THR B 248 -6.23 6.10 -17.82
CA THR B 248 -5.51 6.59 -16.67
C THR B 248 -6.06 5.95 -15.39
N GLY B 249 -5.16 5.75 -14.42
CA GLY B 249 -5.55 5.22 -13.11
C GLY B 249 -5.72 3.72 -13.09
N ILE B 250 -5.32 3.03 -14.16
CA ILE B 250 -5.53 1.56 -14.22
C ILE B 250 -4.32 0.75 -13.76
N THR B 251 -4.54 -0.51 -13.38
CA THR B 251 -3.46 -1.49 -13.36
C THR B 251 -3.70 -2.51 -14.46
N LEU B 252 -2.75 -2.63 -15.37
CA LEU B 252 -2.88 -3.54 -16.49
C LEU B 252 -2.01 -4.77 -16.18
N PHE B 253 -2.65 -5.88 -15.84
CA PHE B 253 -1.93 -7.08 -15.44
C PHE B 253 -1.46 -7.82 -16.69
N ALA B 254 -0.20 -8.24 -16.69
CA ALA B 254 0.37 -9.05 -17.77
C ALA B 254 0.93 -10.26 -17.07
N ASP B 255 0.08 -11.26 -16.87
CA ASP B 255 0.42 -12.28 -15.90
C ASP B 255 0.07 -13.69 -16.32
N GLY B 256 -0.23 -13.87 -17.60
CA GLY B 256 -0.74 -15.13 -18.13
C GLY B 256 -1.86 -15.74 -17.31
N GLY B 257 -2.60 -14.89 -16.58
CA GLY B 257 -3.81 -15.30 -15.87
C GLY B 257 -3.64 -15.53 -14.38
N MET B 258 -2.46 -15.21 -13.85
CA MET B 258 -2.15 -15.52 -12.48
C MET B 258 -3.18 -14.91 -11.47
N THR B 259 -3.62 -13.69 -11.71
CA THR B 259 -4.63 -13.03 -10.85
C THR B 259 -6.01 -13.70 -10.89
N LYS B 260 -6.19 -14.65 -11.80
CA LYS B 260 -7.48 -15.33 -11.94
C LYS B 260 -7.65 -16.55 -11.00
N TYR B 261 -6.67 -16.78 -10.10
CA TYR B 261 -6.68 -17.85 -9.08
C TYR B 261 -6.25 -19.22 -9.62
N PRO B 262 -4.93 -19.46 -9.73
CA PRO B 262 -4.48 -20.70 -10.36
C PRO B 262 -5.02 -21.98 -9.70
N SER B 263 -5.25 -21.97 -8.39
CA SER B 263 -5.76 -23.17 -7.72
C SER B 263 -7.16 -23.63 -8.17
N PHE B 264 -7.88 -22.79 -8.93
CA PHE B 264 -9.24 -23.11 -9.35
C PHE B 264 -9.38 -23.63 -10.79
N GLN B 265 -8.27 -23.76 -11.50
CA GLN B 265 -8.26 -24.42 -12.83
C GLN B 265 -8.94 -25.80 -12.77
N ALA B 266 -9.68 -26.14 -13.83
CA ALA B 266 -10.40 -27.43 -13.96
C ALA B 266 -11.59 -27.63 -12.97
N GLY B 267 -12.01 -26.55 -12.32
CA GLY B 267 -13.16 -26.58 -11.42
C GLY B 267 -13.00 -27.21 -10.04
N ARG B 268 -11.77 -27.27 -9.50
CA ARG B 268 -11.53 -27.60 -8.09
C ARG B 268 -12.28 -26.61 -7.19
N GLY B 269 -12.49 -26.95 -5.93
CA GLY B 269 -13.11 -26.02 -4.97
C GLY B 269 -14.45 -26.44 -4.40
#